data_3O00
#
_entry.id   3O00
#
_cell.length_a   203.348
_cell.length_b   52.146
_cell.length_c   57.555
_cell.angle_alpha   90.00
_cell.angle_beta   90.45
_cell.angle_gamma   90.00
#
_symmetry.space_group_name_H-M   'C 1 2 1'
#
loop_
_entity.id
_entity.type
_entity.pdbx_description
1 polymer 'Cell invasion protein sipD'
2 non-polymer 'NICKEL (II) ION'
3 water water
#
_entity_poly.entity_id   1
_entity_poly.type   'polypeptide(L)'
_entity_poly.pdbx_seq_one_letter_code
;GHMEHRGTDIISLSQAATKIHQAQQTLQSTPPISEENNDERTLARQQLTSSLNALAKSGVSLSAEQNENLRSAFSAPTSA
LFSASPMAQPRTTISDAEIWDMVSQNISAIGDSYLGVYENVVAVYTDFYQAFSDILSKMGGWLLPGKDGNTVKLDVTSLK
NDLNSLVNKYNQINSNTVLFPAQSGSGVKVATEAEARQWLSELNLPNSSLKSYGSGYVVTVDLTPLQKMVQDIDGLGAPG
KDSKLEMDNAKYQAWQSGFKAQEENMKTTLQTLTQKYSNANSLYDNLVKVLSSTISSSLETAKSFLQG
;
_entity_poly.pdbx_strand_id   A,B
#
loop_
_chem_comp.id
_chem_comp.type
_chem_comp.name
_chem_comp.formula
NI non-polymer 'NICKEL (II) ION' 'Ni 2'
#
# COMPACT_ATOMS: atom_id res chain seq x y z
N GLY A 1 22.27 -0.31 -34.05
CA GLY A 1 22.64 -1.04 -32.78
C GLY A 1 23.76 -0.29 -32.08
N HIS A 2 24.25 0.76 -32.73
CA HIS A 2 25.37 1.53 -32.27
C HIS A 2 24.98 2.82 -31.54
N MET A 3 23.70 3.19 -31.57
CA MET A 3 23.22 4.44 -30.97
CA MET A 3 23.24 4.43 -30.94
C MET A 3 22.86 4.15 -29.51
N GLU A 4 23.58 4.77 -28.57
CA GLU A 4 23.26 4.54 -27.17
C GLU A 4 22.17 5.46 -26.74
N HIS A 5 21.51 5.14 -25.62
CA HIS A 5 20.42 6.00 -25.19
C HIS A 5 20.35 5.93 -23.68
N ARG A 6 21.43 6.36 -23.04
CA ARG A 6 21.54 6.39 -21.57
C ARG A 6 20.38 7.09 -20.89
N GLY A 7 20.01 8.27 -21.41
CA GLY A 7 18.92 9.05 -20.84
C GLY A 7 17.59 8.33 -20.74
N THR A 8 17.17 7.71 -21.84
CA THR A 8 15.92 6.96 -21.83
CA THR A 8 15.91 7.02 -21.75
C THR A 8 16.04 5.78 -20.88
N ASP A 9 17.20 5.13 -20.90
CA ASP A 9 17.44 3.95 -20.01
C ASP A 9 17.29 4.35 -18.53
N ILE A 10 17.87 5.50 -18.19
CA ILE A 10 17.78 6.02 -16.80
C ILE A 10 16.31 6.26 -16.38
N ILE A 11 15.55 6.93 -17.22
CA ILE A 11 14.12 7.14 -16.98
C ILE A 11 13.36 5.81 -16.80
N SER A 12 13.47 4.89 -17.78
CA SER A 12 12.84 3.56 -17.73
C SER A 12 13.19 2.77 -16.48
N LEU A 13 14.49 2.68 -16.20
CA LEU A 13 14.93 1.85 -15.05
C LEU A 13 14.48 2.50 -13.73
N SER A 14 14.53 3.82 -13.66
CA SER A 14 14.12 4.53 -12.43
CA SER A 14 14.15 4.48 -12.40
C SER A 14 12.63 4.39 -12.18
N GLN A 15 11.85 4.41 -13.24
CA GLN A 15 10.40 4.25 -13.14
C GLN A 15 10.07 2.86 -12.60
N ALA A 16 10.68 1.84 -13.18
CA ALA A 16 10.49 0.43 -12.73
C ALA A 16 10.94 0.26 -11.26
N ALA A 17 12.13 0.73 -10.93
CA ALA A 17 12.59 0.68 -9.50
C ALA A 17 11.57 1.29 -8.51
N THR A 18 11.06 2.47 -8.84
CA THR A 18 10.08 3.13 -7.98
C THR A 18 8.80 2.34 -7.83
N LYS A 19 8.30 1.75 -8.92
CA LYS A 19 7.03 1.03 -8.81
C LYS A 19 7.29 -0.25 -8.03
N ILE A 20 8.45 -0.84 -8.25
CA ILE A 20 8.75 -2.11 -7.55
C ILE A 20 8.84 -1.87 -6.03
N HIS A 21 9.58 -0.82 -5.67
CA HIS A 21 9.79 -0.43 -4.26
C HIS A 21 8.49 -0.10 -3.57
N GLN A 22 7.60 0.63 -4.29
CA GLN A 22 6.27 0.91 -3.75
C GLN A 22 5.44 -0.37 -3.47
N ALA A 23 5.42 -1.31 -4.43
CA ALA A 23 4.67 -2.59 -4.23
C ALA A 23 5.29 -3.33 -3.05
N GLN A 24 6.61 -3.38 -3.03
CA GLN A 24 7.32 -4.09 -1.93
C GLN A 24 6.99 -3.45 -0.55
N GLN A 25 6.95 -2.11 -0.48
CA GLN A 25 6.58 -1.46 0.78
CA GLN A 25 6.56 -1.45 0.77
C GLN A 25 5.20 -1.89 1.26
N THR A 26 4.24 -1.94 0.35
CA THR A 26 2.89 -2.37 0.69
C THR A 26 2.93 -3.83 1.16
N LEU A 27 3.64 -4.69 0.45
CA LEU A 27 3.60 -6.13 0.77
C LEU A 27 4.34 -6.43 2.09
N GLN A 28 5.33 -5.60 2.42
CA GLN A 28 5.97 -5.72 3.73
C GLN A 28 5.23 -5.05 4.88
N SER A 29 4.34 -4.11 4.59
CA SER A 29 3.77 -3.37 5.73
C SER A 29 2.29 -3.73 6.01
N THR A 30 1.57 -4.23 4.99
CA THR A 30 0.12 -4.46 5.10
C THR A 30 -0.18 -5.91 5.54
N PRO A 31 -0.77 -6.11 6.74
CA PRO A 31 -1.05 -7.51 7.17
C PRO A 31 -2.30 -8.05 6.39
N PRO A 32 -2.27 -9.34 6.01
CA PRO A 32 -3.33 -9.96 5.20
C PRO A 32 -4.51 -10.34 6.10
N ILE A 33 -5.02 -9.36 6.86
CA ILE A 33 -5.99 -9.68 7.95
C ILE A 33 -7.46 -9.30 7.66
N SER A 34 -7.69 -8.77 6.47
CA SER A 34 -9.02 -8.32 6.04
C SER A 34 -9.14 -8.33 4.51
N GLU A 35 -10.38 -8.32 4.04
CA GLU A 35 -10.59 -8.28 2.60
C GLU A 35 -9.97 -7.00 2.04
N GLU A 36 -10.21 -5.89 2.71
CA GLU A 36 -9.65 -4.59 2.30
C GLU A 36 -8.09 -4.59 2.18
N ASN A 37 -7.43 -5.13 3.20
CA ASN A 37 -5.96 -5.22 3.16
C ASN A 37 -5.49 -6.09 2.02
N ASN A 38 -6.13 -7.26 1.88
CA ASN A 38 -5.78 -8.15 0.75
C ASN A 38 -6.01 -7.56 -0.65
N ASP A 39 -7.06 -6.73 -0.78
CA ASP A 39 -7.26 -5.99 -2.05
C ASP A 39 -6.07 -5.05 -2.29
N GLU A 40 -5.61 -4.35 -1.25
CA GLU A 40 -4.45 -3.47 -1.43
C GLU A 40 -3.19 -4.29 -1.84
N ARG A 41 -3.02 -5.47 -1.25
CA ARG A 41 -1.83 -6.29 -1.57
C ARG A 41 -1.95 -6.84 -2.98
N THR A 42 -3.15 -7.25 -3.38
CA THR A 42 -3.36 -7.73 -4.76
C THR A 42 -3.05 -6.62 -5.78
N LEU A 43 -3.52 -5.42 -5.45
CA LEU A 43 -3.26 -4.25 -6.34
C LEU A 43 -1.77 -3.94 -6.41
N ALA A 44 -1.08 -4.03 -5.27
CA ALA A 44 0.39 -3.88 -5.31
C ALA A 44 1.09 -4.86 -6.25
N ARG A 45 0.66 -6.12 -6.26
CA ARG A 45 1.24 -7.05 -7.18
C ARG A 45 0.87 -6.72 -8.62
N GLN A 46 -0.34 -6.24 -8.85
CA GLN A 46 -0.71 -5.85 -10.22
C GLN A 46 0.18 -4.66 -10.71
N GLN A 47 0.44 -3.69 -9.83
CA GLN A 47 1.34 -2.59 -10.14
C GLN A 47 2.77 -3.04 -10.42
N LEU A 48 3.22 -4.05 -9.67
CA LEU A 48 4.51 -4.57 -9.93
C LEU A 48 4.57 -5.28 -11.31
N THR A 49 3.64 -6.17 -11.60
CA THR A 49 3.70 -6.86 -12.91
CA THR A 49 3.65 -6.86 -12.92
C THR A 49 3.54 -5.84 -14.06
N SER A 50 2.67 -4.87 -13.91
CA SER A 50 2.57 -3.85 -14.94
C SER A 50 3.91 -3.10 -15.20
N SER A 51 4.67 -2.87 -14.13
CA SER A 51 5.94 -2.18 -14.27
C SER A 51 6.97 -3.05 -15.01
N LEU A 52 6.95 -4.37 -14.84
CA LEU A 52 7.83 -5.28 -15.57
C LEU A 52 7.40 -5.36 -17.03
N ASN A 53 6.08 -5.42 -17.22
CA ASN A 53 5.48 -5.28 -18.59
C ASN A 53 5.98 -4.01 -19.35
N ALA A 54 6.01 -2.84 -18.71
CA ALA A 54 6.55 -1.61 -19.34
C ALA A 54 8.08 -1.67 -19.53
N LEU A 55 8.77 -2.22 -18.52
CA LEU A 55 10.20 -2.37 -18.61
C LEU A 55 10.61 -3.30 -19.76
N ALA A 56 9.85 -4.36 -19.98
CA ALA A 56 10.15 -5.28 -21.08
C ALA A 56 10.15 -4.57 -22.45
N LYS A 57 9.31 -3.56 -22.59
CA LYS A 57 9.15 -2.82 -23.83
C LYS A 57 10.13 -1.67 -23.96
N SER A 58 10.90 -1.42 -22.90
CA SER A 58 11.78 -0.25 -22.87
C SER A 58 13.09 -0.36 -23.67
N GLY A 59 13.60 -1.56 -23.94
CA GLY A 59 14.86 -1.68 -24.67
C GLY A 59 16.12 -1.40 -23.86
N VAL A 60 16.04 -1.55 -22.55
CA VAL A 60 17.22 -1.57 -21.72
C VAL A 60 17.90 -2.90 -22.04
N SER A 61 19.20 -2.93 -22.18
CA SER A 61 19.80 -4.24 -22.39
C SER A 61 20.37 -4.75 -21.09
N LEU A 62 20.48 -6.06 -20.96
CA LEU A 62 21.00 -6.67 -19.77
C LEU A 62 22.32 -7.32 -20.16
N SER A 63 23.27 -7.33 -19.23
CA SER A 63 24.45 -8.21 -19.33
C SER A 63 24.05 -9.71 -19.31
N ALA A 64 24.92 -10.58 -19.84
CA ALA A 64 24.71 -12.03 -19.79
C ALA A 64 24.52 -12.50 -18.35
N GLU A 65 25.31 -11.90 -17.45
CA GLU A 65 25.25 -12.09 -16.01
C GLU A 65 23.85 -11.78 -15.42
N GLN A 66 23.28 -10.63 -15.76
CA GLN A 66 21.90 -10.31 -15.30
C GLN A 66 20.88 -11.23 -15.89
N ASN A 67 21.04 -11.49 -17.20
CA ASN A 67 20.23 -12.44 -17.92
C ASN A 67 20.19 -13.77 -17.20
N GLU A 68 21.37 -14.27 -16.83
CA GLU A 68 21.51 -15.51 -16.07
C GLU A 68 20.85 -15.48 -14.67
N ASN A 69 21.08 -14.40 -13.92
CA ASN A 69 20.43 -14.20 -12.64
C ASN A 69 18.91 -14.34 -12.75
N LEU A 70 18.37 -13.74 -13.81
CA LEU A 70 16.94 -13.67 -14.00
C LEU A 70 16.46 -15.05 -14.37
N ARG A 71 17.15 -15.68 -15.32
CA ARG A 71 16.80 -17.03 -15.74
C ARG A 71 16.74 -18.01 -14.58
N SER A 72 17.82 -18.06 -13.80
CA SER A 72 17.89 -18.93 -12.62
C SER A 72 16.88 -18.57 -11.53
N ALA A 73 16.65 -17.28 -11.28
CA ALA A 73 15.70 -16.90 -10.23
C ALA A 73 14.25 -17.19 -10.60
N PHE A 74 13.89 -17.01 -11.87
CA PHE A 74 12.51 -17.09 -12.32
C PHE A 74 12.09 -18.32 -13.14
N SER A 75 12.76 -19.46 -13.00
CA SER A 75 12.34 -20.64 -13.79
C SER A 75 11.49 -21.67 -13.02
N GLU A 98 12.42 -10.61 -24.40
CA GLU A 98 11.79 -11.87 -24.01
C GLU A 98 11.93 -12.19 -22.50
N ILE A 99 13.10 -11.88 -21.93
CA ILE A 99 13.40 -12.32 -20.56
C ILE A 99 12.41 -11.69 -19.55
N TRP A 100 12.19 -10.39 -19.69
CA TRP A 100 11.30 -9.67 -18.78
C TRP A 100 9.89 -10.22 -18.80
N ASP A 101 9.40 -10.65 -19.97
CA ASP A 101 8.05 -11.24 -20.03
C ASP A 101 7.98 -12.60 -19.31
N MET A 102 9.06 -13.36 -19.38
CA MET A 102 9.17 -14.63 -18.66
C MET A 102 9.14 -14.35 -17.13
N VAL A 103 9.93 -13.38 -16.69
CA VAL A 103 9.98 -12.96 -15.27
C VAL A 103 8.61 -12.52 -14.80
N SER A 104 7.99 -11.62 -15.56
CA SER A 104 6.66 -11.15 -15.24
C SER A 104 5.60 -12.26 -15.11
N GLN A 105 5.52 -13.18 -16.06
CA GLN A 105 4.62 -14.35 -15.93
C GLN A 105 4.88 -15.23 -14.69
N ASN A 106 6.16 -15.47 -14.39
CA ASN A 106 6.57 -16.35 -13.29
C ASN A 106 6.20 -15.73 -11.96
N ILE A 107 6.60 -14.47 -11.78
CA ILE A 107 6.30 -13.80 -10.50
C ILE A 107 4.79 -13.60 -10.31
N SER A 108 4.06 -13.29 -11.38
CA SER A 108 2.61 -13.08 -11.35
C SER A 108 1.91 -14.33 -10.83
N ALA A 109 2.34 -15.47 -11.37
CA ALA A 109 1.82 -16.80 -11.00
C ALA A 109 2.05 -17.13 -9.52
N ILE A 110 3.24 -16.82 -9.01
CA ILE A 110 3.53 -17.02 -7.59
C ILE A 110 2.63 -16.10 -6.75
N GLY A 111 2.43 -14.87 -7.20
CA GLY A 111 1.59 -13.93 -6.47
C GLY A 111 0.15 -14.44 -6.41
N ASP A 112 -0.40 -14.82 -7.55
CA ASP A 112 -1.82 -15.23 -7.67
C ASP A 112 -2.17 -16.60 -7.01
N SER A 113 -1.32 -17.57 -7.28
CA SER A 113 -1.58 -18.98 -7.01
C SER A 113 -1.05 -19.46 -5.70
N TYR A 114 -0.16 -18.67 -5.07
CA TYR A 114 0.53 -19.11 -3.88
C TYR A 114 0.39 -18.05 -2.82
N LEU A 115 0.99 -16.90 -3.05
CA LEU A 115 0.86 -15.85 -2.01
C LEU A 115 -0.61 -15.43 -1.81
N GLY A 116 -1.33 -15.24 -2.91
CA GLY A 116 -2.75 -14.84 -2.82
C GLY A 116 -3.59 -15.85 -2.04
N VAL A 117 -3.31 -17.15 -2.19
CA VAL A 117 -4.04 -18.16 -1.39
C VAL A 117 -3.75 -17.97 0.10
N TYR A 118 -2.45 -17.89 0.43
CA TYR A 118 -2.07 -17.65 1.81
C TYR A 118 -2.68 -16.41 2.44
N GLU A 119 -2.73 -15.31 1.69
CA GLU A 119 -3.41 -14.13 2.22
C GLU A 119 -4.84 -14.45 2.59
N ASN A 120 -5.51 -15.16 1.70
CA ASN A 120 -6.88 -15.54 1.99
C ASN A 120 -6.99 -16.46 3.23
N VAL A 121 -6.08 -17.39 3.37
CA VAL A 121 -6.05 -18.29 4.52
C VAL A 121 -5.97 -17.46 5.81
N VAL A 122 -5.06 -16.50 5.86
CA VAL A 122 -4.92 -15.66 7.08
C VAL A 122 -6.16 -14.81 7.34
N ALA A 123 -6.70 -14.17 6.32
CA ALA A 123 -7.81 -13.23 6.60
C ALA A 123 -9.02 -14.05 7.13
N VAL A 124 -9.28 -15.18 6.47
CA VAL A 124 -10.37 -16.06 6.90
C VAL A 124 -10.16 -16.59 8.33
N TYR A 125 -8.96 -17.14 8.60
CA TYR A 125 -8.63 -17.64 9.93
C TYR A 125 -8.65 -16.58 11.01
N THR A 126 -8.23 -15.38 10.65
CA THR A 126 -8.23 -14.22 11.57
C THR A 126 -9.64 -13.92 12.13
N ASP A 127 -10.62 -13.81 11.23
CA ASP A 127 -11.99 -13.55 11.67
C ASP A 127 -12.61 -14.70 12.44
N PHE A 128 -12.30 -15.92 12.00
CA PHE A 128 -12.76 -17.11 12.74
C PHE A 128 -12.19 -17.13 14.17
N TYR A 129 -10.87 -16.91 14.29
CA TYR A 129 -10.23 -16.88 15.61
C TYR A 129 -10.75 -15.74 16.50
N GLN A 130 -11.05 -14.60 15.90
CA GLN A 130 -11.66 -13.51 16.67
C GLN A 130 -13.03 -13.96 17.22
N ALA A 131 -13.83 -14.66 16.41
CA ALA A 131 -15.11 -15.18 16.93
C ALA A 131 -14.94 -16.12 18.13
N PHE A 132 -13.92 -16.97 18.08
CA PHE A 132 -13.54 -17.85 19.21
C PHE A 132 -13.08 -17.03 20.42
N SER A 133 -12.20 -16.04 20.19
CA SER A 133 -11.76 -15.15 21.29
C SER A 133 -12.94 -14.48 22.00
N ASP A 134 -13.94 -14.07 21.22
CA ASP A 134 -15.09 -13.37 21.78
C ASP A 134 -15.86 -14.30 22.74
N ILE A 135 -15.91 -15.60 22.41
CA ILE A 135 -16.53 -16.55 23.32
C ILE A 135 -15.70 -16.71 24.58
N LEU A 136 -14.40 -16.84 24.43
CA LEU A 136 -13.50 -16.95 25.58
C LEU A 136 -13.67 -15.78 26.52
N SER A 137 -13.90 -14.58 25.98
CA SER A 137 -14.14 -13.35 26.78
C SER A 137 -15.39 -13.46 27.68
N LYS A 138 -16.27 -14.41 27.41
CA LYS A 138 -17.48 -14.56 28.25
C LYS A 138 -17.31 -15.57 29.38
N MET A 139 -16.21 -16.30 29.39
CA MET A 139 -16.07 -17.39 30.36
C MET A 139 -16.08 -16.99 31.82
N GLY A 140 -15.44 -15.85 32.12
CA GLY A 140 -15.48 -15.26 33.47
C GLY A 140 -16.87 -15.25 34.07
N GLY A 141 -17.85 -14.78 33.29
CA GLY A 141 -19.25 -14.71 33.69
C GLY A 141 -19.97 -16.04 33.82
N TRP A 142 -19.42 -17.12 33.27
CA TRP A 142 -20.05 -18.43 33.40
C TRP A 142 -19.42 -19.29 34.51
N LEU A 143 -18.51 -18.69 35.29
CA LEU A 143 -17.92 -19.35 36.45
C LEU A 143 -18.43 -18.62 37.70
N LEU A 144 -19.22 -19.32 38.51
CA LEU A 144 -19.82 -18.73 39.70
C LEU A 144 -19.37 -19.38 41.01
N PRO A 145 -19.57 -18.70 42.15
CA PRO A 145 -19.37 -19.32 43.47
C PRO A 145 -20.12 -20.67 43.62
N GLY A 146 -19.47 -21.65 44.25
CA GLY A 146 -20.15 -22.93 44.55
C GLY A 146 -20.87 -22.81 45.88
N LYS A 147 -21.43 -23.90 46.39
CA LYS A 147 -22.14 -23.80 47.68
C LYS A 147 -21.20 -23.47 48.87
N ASP A 148 -19.91 -23.75 48.72
CA ASP A 148 -18.88 -23.41 49.69
C ASP A 148 -17.57 -23.16 48.95
N GLY A 149 -16.48 -22.94 49.69
CA GLY A 149 -15.19 -22.55 49.13
C GLY A 149 -14.38 -23.67 48.46
N ASN A 150 -14.97 -24.86 48.38
CA ASN A 150 -14.30 -26.04 47.83
C ASN A 150 -14.91 -26.46 46.53
N THR A 151 -15.87 -25.67 46.07
CA THR A 151 -16.66 -26.04 44.90
CA THR A 151 -16.64 -26.03 44.88
C THR A 151 -16.93 -24.78 44.06
N VAL A 152 -17.27 -24.97 42.78
CA VAL A 152 -17.68 -23.83 41.90
C VAL A 152 -18.93 -24.22 41.13
N LYS A 153 -19.52 -23.26 40.44
CA LYS A 153 -20.62 -23.61 39.55
C LYS A 153 -20.29 -23.10 38.14
N LEU A 154 -20.29 -24.03 37.17
CA LEU A 154 -19.97 -23.70 35.79
C LEU A 154 -21.23 -23.66 34.99
N ASP A 155 -21.45 -22.59 34.25
CA ASP A 155 -22.58 -22.53 33.33
C ASP A 155 -22.23 -23.30 32.04
N VAL A 156 -22.21 -24.63 32.15
CA VAL A 156 -21.90 -25.56 31.05
C VAL A 156 -22.88 -25.37 29.88
N THR A 157 -24.13 -25.11 30.19
CA THR A 157 -25.13 -24.91 29.13
C THR A 157 -24.83 -23.68 28.25
N SER A 158 -24.57 -22.53 28.86
CA SER A 158 -24.33 -21.30 28.05
C SER A 158 -23.04 -21.45 27.29
N LEU A 159 -22.06 -22.12 27.88
CA LEU A 159 -20.75 -22.29 27.21
C LEU A 159 -20.88 -23.26 26.01
N LYS A 160 -21.55 -24.40 26.25
CA LYS A 160 -21.76 -25.39 25.17
C LYS A 160 -22.54 -24.79 24.01
N ASN A 161 -23.63 -24.08 24.32
CA ASN A 161 -24.44 -23.38 23.29
C ASN A 161 -23.68 -22.38 22.44
N ASP A 162 -22.90 -21.49 23.09
CA ASP A 162 -21.98 -20.61 22.34
C ASP A 162 -20.97 -21.35 21.46
N LEU A 163 -20.32 -22.42 21.97
CA LEU A 163 -19.35 -23.18 21.15
C LEU A 163 -20.06 -23.90 20.00
N ASN A 164 -21.23 -24.47 20.31
CA ASN A 164 -22.04 -25.13 19.25
C ASN A 164 -22.50 -24.14 18.17
N SER A 165 -22.88 -22.94 18.56
CA SER A 165 -23.22 -21.92 17.57
C SER A 165 -22.03 -21.55 16.66
N LEU A 166 -20.83 -21.60 17.24
CA LEU A 166 -19.64 -21.28 16.47
C LEU A 166 -19.36 -22.38 15.47
N VAL A 167 -19.40 -23.61 15.97
CA VAL A 167 -19.27 -24.76 15.13
C VAL A 167 -20.29 -24.69 13.97
N ASN A 168 -21.56 -24.45 14.27
CA ASN A 168 -22.60 -24.44 13.22
C ASN A 168 -22.28 -23.38 12.19
N LYS A 169 -21.85 -22.21 12.66
CA LYS A 169 -21.53 -21.11 11.74
C LYS A 169 -20.37 -21.44 10.77
N TYR A 170 -19.32 -22.05 11.30
CA TYR A 170 -18.09 -22.24 10.55
C TYR A 170 -18.02 -23.66 9.93
N ASN A 171 -19.10 -24.43 10.09
CA ASN A 171 -19.20 -25.73 9.43
C ASN A 171 -19.80 -25.59 8.04
N GLN A 172 -20.33 -24.40 7.74
CA GLN A 172 -20.90 -24.10 6.44
CA GLN A 172 -20.90 -24.12 6.42
C GLN A 172 -19.80 -23.87 5.37
N ILE A 173 -20.21 -23.79 4.09
CA ILE A 173 -19.27 -23.48 2.99
CA ILE A 173 -19.25 -23.47 3.02
C ILE A 173 -19.62 -22.14 2.37
N ASN A 174 -18.85 -21.12 2.73
CA ASN A 174 -19.10 -19.78 2.26
C ASN A 174 -17.80 -19.00 2.52
N SER A 175 -17.82 -17.70 2.26
CA SER A 175 -16.58 -16.95 2.39
CA SER A 175 -16.62 -16.85 2.40
C SER A 175 -16.11 -16.69 3.85
N ASN A 176 -16.91 -17.06 4.85
CA ASN A 176 -16.49 -17.01 6.26
C ASN A 176 -15.59 -18.20 6.58
N THR A 177 -15.68 -19.22 5.72
CA THR A 177 -15.16 -20.50 6.11
C THR A 177 -14.11 -21.07 5.17
N VAL A 178 -14.14 -20.65 3.90
CA VAL A 178 -13.29 -21.32 2.90
C VAL A 178 -11.92 -20.72 2.81
N LEU A 179 -10.90 -21.56 3.01
CA LEU A 179 -9.51 -21.15 2.99
C LEU A 179 -8.96 -21.22 1.57
N PHE A 180 -9.40 -22.25 0.82
CA PHE A 180 -8.96 -22.45 -0.55
C PHE A 180 -10.04 -23.21 -1.33
N PRO A 181 -10.38 -22.72 -2.54
CA PRO A 181 -9.88 -21.47 -3.18
C PRO A 181 -10.37 -20.17 -2.51
N ALA A 182 -9.68 -19.08 -2.76
CA ALA A 182 -10.20 -17.75 -2.43
C ALA A 182 -11.55 -17.51 -3.13
N GLN A 183 -12.47 -16.87 -2.40
CA GLN A 183 -13.84 -16.66 -2.85
C GLN A 183 -14.09 -15.22 -3.28
N SER A 184 -15.03 -15.03 -4.20
CA SER A 184 -15.40 -13.70 -4.68
C SER A 184 -16.62 -13.80 -5.55
N GLY A 185 -17.44 -12.76 -5.52
CA GLY A 185 -18.59 -12.70 -6.42
C GLY A 185 -19.68 -13.68 -6.02
N SER A 186 -20.46 -14.12 -7.00
CA SER A 186 -21.63 -14.94 -6.71
C SER A 186 -21.30 -16.42 -6.39
N GLY A 187 -20.25 -16.97 -6.97
CA GLY A 187 -20.06 -18.42 -6.81
C GLY A 187 -19.80 -18.97 -5.40
N VAL A 188 -19.66 -20.29 -5.32
CA VAL A 188 -18.62 -20.86 -4.47
C VAL A 188 -17.56 -21.34 -5.44
N LYS A 189 -16.34 -20.83 -5.33
CA LYS A 189 -15.32 -21.29 -6.25
C LYS A 189 -14.75 -22.54 -5.63
N VAL A 190 -14.62 -23.60 -6.43
CA VAL A 190 -14.17 -24.91 -5.94
C VAL A 190 -13.01 -25.39 -6.74
N ALA A 191 -12.31 -26.41 -6.25
CA ALA A 191 -11.13 -26.92 -6.93
C ALA A 191 -11.32 -28.42 -7.17
N THR A 192 -10.46 -29.01 -8.00
CA THR A 192 -10.43 -30.47 -8.11
C THR A 192 -10.06 -31.04 -6.75
N GLU A 193 -10.48 -32.29 -6.47
CA GLU A 193 -9.99 -32.99 -5.27
C GLU A 193 -8.46 -33.01 -5.16
N ALA A 194 -7.77 -33.20 -6.27
CA ALA A 194 -6.31 -33.21 -6.23
C ALA A 194 -5.71 -31.86 -5.79
N GLU A 195 -6.23 -30.76 -6.31
CA GLU A 195 -5.68 -29.41 -5.98
C GLU A 195 -5.98 -29.12 -4.52
N ALA A 196 -7.20 -29.46 -4.09
CA ALA A 196 -7.59 -29.17 -2.70
C ALA A 196 -6.77 -30.02 -1.73
N ARG A 197 -6.52 -31.28 -2.08
CA ARG A 197 -5.68 -32.11 -1.21
C ARG A 197 -4.26 -31.60 -1.07
N GLN A 198 -3.69 -31.14 -2.19
CA GLN A 198 -2.37 -30.51 -2.14
C GLN A 198 -2.36 -29.31 -1.15
N TRP A 199 -3.34 -28.41 -1.20
CA TRP A 199 -3.36 -27.31 -0.23
C TRP A 199 -3.62 -27.79 1.23
N LEU A 200 -4.48 -28.79 1.38
CA LEU A 200 -4.70 -29.39 2.71
C LEU A 200 -3.35 -29.83 3.32
N SER A 201 -2.53 -30.48 2.52
CA SER A 201 -1.22 -30.91 2.95
C SER A 201 -0.28 -29.70 3.16
N GLU A 202 -0.26 -28.78 2.20
CA GLU A 202 0.57 -27.54 2.34
C GLU A 202 0.25 -26.79 3.66
N LEU A 203 -1.05 -26.71 4.01
CA LEU A 203 -1.48 -26.02 5.22
C LEU A 203 -1.36 -26.83 6.52
N ASN A 204 -1.04 -28.12 6.39
CA ASN A 204 -0.95 -29.01 7.55
C ASN A 204 -2.27 -29.12 8.35
N LEU A 205 -3.38 -29.09 7.65
CA LEU A 205 -4.67 -29.13 8.31
C LEU A 205 -5.17 -30.60 8.35
N PRO A 206 -6.05 -30.91 9.33
CA PRO A 206 -6.61 -32.29 9.45
C PRO A 206 -7.46 -32.68 8.26
N ASN A 207 -7.57 -33.99 8.02
CA ASN A 207 -8.43 -34.46 6.91
C ASN A 207 -9.86 -33.91 6.88
N SER A 208 -10.44 -33.59 8.05
CA SER A 208 -11.82 -33.11 8.12
C SER A 208 -12.01 -31.72 7.48
N SER A 209 -10.91 -31.04 7.21
CA SER A 209 -10.92 -29.70 6.60
C SER A 209 -11.05 -29.78 5.07
N LEU A 210 -10.99 -30.99 4.51
CA LEU A 210 -11.24 -31.18 3.07
C LEU A 210 -12.73 -31.44 2.90
N LYS A 211 -13.44 -30.60 2.18
CA LYS A 211 -14.86 -30.80 2.00
C LYS A 211 -15.29 -30.77 0.55
N SER A 212 -16.25 -31.62 0.20
CA SER A 212 -16.79 -31.52 -1.15
C SER A 212 -17.89 -30.44 -1.16
N TYR A 213 -17.97 -29.72 -2.28
CA TYR A 213 -19.04 -28.78 -2.54
C TYR A 213 -19.36 -28.82 -4.05
N GLY A 214 -20.59 -29.20 -4.41
CA GLY A 214 -20.99 -29.25 -5.85
C GLY A 214 -20.02 -30.03 -6.71
N SER A 215 -19.47 -29.39 -7.74
CA SER A 215 -18.57 -30.05 -8.70
C SER A 215 -17.09 -30.22 -8.29
N GLY A 216 -16.74 -29.80 -7.06
CA GLY A 216 -15.35 -30.01 -6.62
C GLY A 216 -15.15 -30.03 -5.12
N TYR A 217 -14.03 -29.44 -4.69
CA TYR A 217 -13.60 -29.45 -3.29
C TYR A 217 -13.11 -28.11 -2.78
N VAL A 218 -13.24 -27.94 -1.45
CA VAL A 218 -12.73 -26.74 -0.75
C VAL A 218 -11.95 -27.20 0.49
N VAL A 219 -11.15 -26.29 1.03
CA VAL A 219 -10.44 -26.52 2.31
C VAL A 219 -10.99 -25.47 3.28
N THR A 220 -11.41 -25.94 4.46
CA THR A 220 -12.11 -25.03 5.39
C THR A 220 -11.33 -24.95 6.72
N VAL A 221 -11.75 -24.02 7.60
CA VAL A 221 -11.20 -23.95 8.97
C VAL A 221 -11.34 -25.25 9.76
N ASP A 222 -10.42 -25.48 10.71
CA ASP A 222 -10.47 -26.71 11.55
C ASP A 222 -11.35 -26.48 12.79
N LEU A 223 -12.45 -27.23 12.87
CA LEU A 223 -13.35 -27.15 14.04
C LEU A 223 -13.05 -28.21 15.12
N THR A 224 -12.17 -29.15 14.81
CA THR A 224 -11.95 -30.27 15.72
C THR A 224 -11.74 -29.89 17.20
N PRO A 225 -10.89 -28.86 17.51
CA PRO A 225 -10.76 -28.52 18.95
C PRO A 225 -12.04 -28.02 19.62
N LEU A 226 -12.85 -27.30 18.86
CA LEU A 226 -14.10 -26.82 19.42
C LEU A 226 -15.03 -28.01 19.72
N GLN A 227 -15.05 -28.96 18.77
CA GLN A 227 -15.90 -30.11 18.89
C GLN A 227 -15.44 -30.99 20.07
N LYS A 228 -14.12 -31.10 20.26
CA LYS A 228 -13.52 -31.76 21.47
C LYS A 228 -13.89 -31.00 22.77
N MET A 229 -13.90 -29.66 22.74
CA MET A 229 -14.32 -28.89 23.93
C MET A 229 -15.75 -29.25 24.36
N VAL A 230 -16.65 -29.24 23.38
CA VAL A 230 -18.03 -29.59 23.59
C VAL A 230 -18.18 -31.04 24.12
N GLN A 231 -17.44 -32.00 23.55
CA GLN A 231 -17.43 -33.35 24.14
C GLN A 231 -16.94 -33.43 25.60
N ASP A 232 -15.86 -32.72 25.90
CA ASP A 232 -15.36 -32.72 27.27
C ASP A 232 -16.35 -32.06 28.24
N ILE A 233 -17.09 -31.03 27.77
CA ILE A 233 -18.16 -30.44 28.60
C ILE A 233 -19.28 -31.46 28.92
N ASP A 234 -19.83 -32.14 27.90
CA ASP A 234 -20.83 -33.21 28.15
C ASP A 234 -20.28 -34.29 29.10
N GLY A 235 -18.97 -34.57 28.95
CA GLY A 235 -18.21 -35.47 29.81
C GLY A 235 -18.34 -35.19 31.30
N LEU A 236 -18.47 -33.91 31.68
CA LEU A 236 -18.55 -33.49 33.10
C LEU A 236 -19.81 -33.99 33.83
N GLY A 237 -20.86 -34.24 33.05
CA GLY A 237 -22.10 -34.85 33.54
C GLY A 237 -23.22 -33.87 33.34
N ALA A 238 -24.46 -34.37 33.44
CA ALA A 238 -25.66 -33.55 33.29
C ALA A 238 -25.70 -32.33 34.23
N PRO A 239 -26.09 -31.15 33.69
CA PRO A 239 -26.26 -30.00 34.58
C PRO A 239 -27.42 -30.23 35.53
N GLY A 240 -27.52 -29.40 36.57
CA GLY A 240 -28.68 -29.38 37.48
C GLY A 240 -29.85 -28.60 36.90
N LYS A 241 -30.86 -28.33 37.74
CA LYS A 241 -32.12 -27.71 37.31
C LYS A 241 -31.92 -26.31 36.77
N ASP A 242 -30.85 -25.66 37.25
CA ASP A 242 -30.54 -24.31 36.83
C ASP A 242 -29.77 -24.25 35.50
N SER A 243 -29.42 -25.41 34.94
CA SER A 243 -28.62 -25.50 33.68
C SER A 243 -27.10 -25.41 33.91
N LYS A 244 -26.72 -25.33 35.18
CA LYS A 244 -25.34 -25.15 35.58
C LYS A 244 -24.86 -26.40 36.27
N LEU A 245 -23.56 -26.48 36.51
CA LEU A 245 -22.99 -27.72 37.00
C LEU A 245 -22.12 -27.38 38.17
N GLU A 246 -22.54 -27.84 39.35
CA GLU A 246 -21.75 -27.72 40.55
C GLU A 246 -20.62 -28.75 40.47
N MET A 247 -19.40 -28.34 40.84
CA MET A 247 -18.18 -29.15 40.69
C MET A 247 -17.22 -28.87 41.82
N ASP A 248 -16.58 -29.93 42.31
CA ASP A 248 -15.49 -29.77 43.25
C ASP A 248 -14.30 -29.03 42.57
N ASN A 249 -13.52 -28.27 43.36
CA ASN A 249 -12.41 -27.48 42.81
C ASN A 249 -11.41 -28.28 41.96
N ALA A 250 -11.03 -29.49 42.42
CA ALA A 250 -10.12 -30.34 41.65
C ALA A 250 -10.70 -30.72 40.27
N LYS A 251 -11.98 -31.03 40.21
CA LYS A 251 -12.60 -31.45 38.97
C LYS A 251 -12.67 -30.28 37.98
N TYR A 252 -12.96 -29.11 38.51
CA TYR A 252 -13.01 -27.91 37.69
C TYR A 252 -11.61 -27.60 37.15
N GLN A 253 -10.59 -27.67 38.01
CA GLN A 253 -9.23 -27.40 37.58
C GLN A 253 -8.81 -28.38 36.48
N ALA A 254 -9.24 -29.63 36.62
CA ALA A 254 -8.85 -30.66 35.65
C ALA A 254 -9.56 -30.41 34.31
N TRP A 255 -10.83 -30.02 34.36
CA TRP A 255 -11.59 -29.68 33.15
C TRP A 255 -10.97 -28.44 32.46
N GLN A 256 -10.60 -27.45 33.28
CA GLN A 256 -10.04 -26.19 32.78
C GLN A 256 -8.72 -26.42 32.06
N SER A 257 -7.88 -27.29 32.62
CA SER A 257 -6.61 -27.63 31.98
CA SER A 257 -6.61 -27.66 31.99
C SER A 257 -6.82 -28.31 30.60
N GLY A 258 -7.82 -29.21 30.49
CA GLY A 258 -8.17 -29.86 29.22
C GLY A 258 -8.74 -28.84 28.21
N PHE A 259 -9.50 -27.87 28.70
CA PHE A 259 -10.13 -26.85 27.83
C PHE A 259 -9.01 -25.93 27.25
N LYS A 260 -8.07 -25.54 28.12
CA LYS A 260 -6.90 -24.73 27.70
C LYS A 260 -6.02 -25.44 26.68
N ALA A 261 -5.88 -26.77 26.82
CA ALA A 261 -5.16 -27.59 25.85
C ALA A 261 -5.80 -27.51 24.47
N GLN A 262 -7.13 -27.51 24.40
CA GLN A 262 -7.82 -27.33 23.11
C GLN A 262 -7.65 -25.89 22.58
N GLU A 263 -7.72 -24.91 23.47
CA GLU A 263 -7.46 -23.53 23.04
C GLU A 263 -6.06 -23.44 22.41
N GLU A 264 -5.06 -24.05 23.04
CA GLU A 264 -3.70 -24.13 22.50
C GLU A 264 -3.61 -24.83 21.13
N ASN A 265 -4.42 -25.88 20.91
CA ASN A 265 -4.47 -26.48 19.55
C ASN A 265 -4.94 -25.48 18.48
N MET A 266 -5.99 -24.73 18.78
CA MET A 266 -6.42 -23.70 17.81
C MET A 266 -5.33 -22.64 17.57
N LYS A 267 -4.72 -22.21 18.68
CA LYS A 267 -3.67 -21.18 18.61
C LYS A 267 -2.48 -21.71 17.77
N THR A 268 -2.13 -22.99 17.92
CA THR A 268 -1.00 -23.60 17.18
C THR A 268 -1.27 -23.72 15.67
N THR A 269 -2.49 -24.12 15.34
CA THR A 269 -2.94 -24.15 13.93
C THR A 269 -2.84 -22.75 13.33
N LEU A 270 -3.30 -21.74 14.07
CA LEU A 270 -3.27 -20.38 13.53
C LEU A 270 -1.83 -19.94 13.35
N GLN A 271 -1.01 -20.23 14.36
CA GLN A 271 0.40 -19.86 14.28
C GLN A 271 1.11 -20.52 13.08
N THR A 272 0.87 -21.82 12.84
CA THR A 272 1.43 -22.50 11.65
C THR A 272 1.05 -21.76 10.37
N LEU A 273 -0.23 -21.42 10.26
CA LEU A 273 -0.73 -20.78 9.07
C LEU A 273 -0.12 -19.43 8.86
N THR A 274 0.00 -18.64 9.95
CA THR A 274 0.53 -17.27 9.76
CA THR A 274 0.53 -17.26 9.82
C THR A 274 2.03 -17.31 9.48
N GLN A 275 2.75 -18.28 10.08
CA GLN A 275 4.17 -18.43 9.72
C GLN A 275 4.32 -18.85 8.27
N LYS A 276 3.46 -19.76 7.82
CA LYS A 276 3.56 -20.24 6.43
C LYS A 276 3.27 -19.07 5.47
N TYR A 277 2.29 -18.24 5.86
CA TYR A 277 2.03 -17.01 5.04
C TYR A 277 3.28 -16.16 5.00
N SER A 278 3.85 -15.87 6.17
CA SER A 278 5.03 -15.00 6.20
C SER A 278 6.11 -15.51 5.30
N ASN A 279 6.28 -16.84 5.25
CA ASN A 279 7.33 -17.40 4.41
C ASN A 279 6.99 -17.34 2.92
N ALA A 280 5.71 -17.47 2.61
CA ALA A 280 5.29 -17.33 1.17
C ALA A 280 5.53 -15.83 0.80
N ASN A 281 5.29 -14.91 1.75
CA ASN A 281 5.51 -13.45 1.49
C ASN A 281 7.02 -13.18 1.33
N SER A 282 7.81 -13.87 2.15
CA SER A 282 9.28 -13.80 2.03
C SER A 282 9.79 -14.41 0.71
N LEU A 283 9.17 -15.50 0.25
CA LEU A 283 9.58 -16.07 -1.06
C LEU A 283 9.31 -15.05 -2.17
N TYR A 284 8.09 -14.48 -2.16
CA TYR A 284 7.80 -13.40 -3.16
C TYR A 284 8.76 -12.19 -3.03
N ASP A 285 9.01 -11.73 -1.79
CA ASP A 285 9.97 -10.63 -1.56
C ASP A 285 11.39 -10.92 -2.04
N ASN A 286 11.83 -12.17 -1.93
CA ASN A 286 13.17 -12.50 -2.39
C ASN A 286 13.30 -12.37 -3.91
N LEU A 287 12.21 -12.66 -4.61
CA LEU A 287 12.16 -12.44 -6.05
C LEU A 287 12.12 -10.94 -6.35
N VAL A 288 11.37 -10.17 -5.58
CA VAL A 288 11.39 -8.68 -5.69
C VAL A 288 12.83 -8.11 -5.47
N LYS A 289 13.54 -8.64 -4.47
CA LYS A 289 14.94 -8.26 -4.25
C LYS A 289 15.82 -8.53 -5.47
N VAL A 290 15.58 -9.64 -6.15
CA VAL A 290 16.30 -9.96 -7.40
C VAL A 290 15.99 -8.93 -8.52
N LEU A 291 14.71 -8.60 -8.69
CA LEU A 291 14.35 -7.51 -9.61
C LEU A 291 15.08 -6.22 -9.26
N SER A 292 15.03 -5.83 -7.99
CA SER A 292 15.60 -4.54 -7.59
C SER A 292 17.12 -4.49 -7.81
N SER A 293 17.84 -5.56 -7.47
CA SER A 293 19.29 -5.58 -7.68
CA SER A 293 19.29 -5.50 -7.68
C SER A 293 19.65 -5.54 -9.16
N THR A 294 18.85 -6.23 -9.97
CA THR A 294 19.09 -6.26 -11.41
C THR A 294 18.90 -4.86 -11.98
N ILE A 295 17.80 -4.24 -11.61
CA ILE A 295 17.52 -2.85 -12.04
C ILE A 295 18.57 -1.85 -11.55
N SER A 296 19.00 -1.96 -10.29
CA SER A 296 20.07 -1.11 -9.74
C SER A 296 21.37 -1.24 -10.51
N SER A 297 21.81 -2.47 -10.77
CA SER A 297 23.00 -2.73 -11.64
CA SER A 297 23.00 -2.73 -11.61
C SER A 297 22.91 -2.09 -13.02
N SER A 298 21.77 -2.26 -13.70
CA SER A 298 21.53 -1.60 -14.99
C SER A 298 21.58 -0.06 -14.92
N LEU A 299 21.05 0.48 -13.84
CA LEU A 299 21.12 1.93 -13.60
C LEU A 299 22.56 2.40 -13.46
N GLU A 300 23.35 1.66 -12.69
CA GLU A 300 24.77 1.93 -12.60
C GLU A 300 25.45 1.92 -13.95
N THR A 301 25.20 0.89 -14.75
CA THR A 301 25.77 0.81 -16.11
C THR A 301 25.43 2.05 -16.95
N ALA A 302 24.17 2.48 -16.86
CA ALA A 302 23.71 3.63 -17.62
C ALA A 302 24.39 4.97 -17.16
N LYS A 303 24.88 4.98 -15.91
CA LYS A 303 25.52 6.18 -15.30
C LYS A 303 27.07 6.12 -15.33
N SER A 304 27.60 4.98 -15.73
CA SER A 304 29.04 4.74 -15.70
C SER A 304 29.72 4.97 -17.05
N PHE A 305 30.88 5.62 -17.00
CA PHE A 305 31.65 5.92 -18.20
C PHE A 305 33.05 5.36 -18.01
N LEU A 306 33.36 4.34 -18.79
CA LEU A 306 34.59 3.58 -18.69
C LEU A 306 35.69 4.41 -19.33
N GLN A 307 36.75 4.69 -18.58
CA GLN A 307 37.72 5.73 -18.97
C GLN A 307 38.80 5.24 -19.93
N SER B 12 29.79 33.55 -26.30
CA SER B 12 28.78 32.70 -26.99
C SER B 12 28.49 31.41 -26.22
N LEU B 13 29.53 30.60 -26.05
CA LEU B 13 29.55 29.46 -25.13
C LEU B 13 29.62 29.99 -23.70
N SER B 14 30.33 31.10 -23.52
CA SER B 14 30.45 31.76 -22.22
C SER B 14 29.11 32.36 -21.84
N GLN B 15 28.41 32.95 -22.81
CA GLN B 15 27.03 33.41 -22.62
C GLN B 15 26.19 32.25 -22.07
N ALA B 16 26.05 31.22 -22.90
CA ALA B 16 25.35 29.97 -22.52
C ALA B 16 25.73 29.46 -21.13
N ALA B 17 27.03 29.28 -20.87
CA ALA B 17 27.51 28.70 -19.62
C ALA B 17 27.07 29.49 -18.39
N THR B 18 27.13 30.82 -18.50
CA THR B 18 26.81 31.66 -17.33
C THR B 18 25.32 31.54 -17.05
N LYS B 19 24.53 31.60 -18.10
CA LYS B 19 23.07 31.56 -18.00
C LYS B 19 22.54 30.19 -17.52
N ILE B 20 23.23 29.12 -17.92
CA ILE B 20 22.95 27.78 -17.40
C ILE B 20 23.30 27.64 -15.93
N HIS B 21 24.47 28.15 -15.55
CA HIS B 21 24.89 28.13 -14.15
C HIS B 21 23.87 28.86 -13.25
N GLN B 22 23.37 30.02 -13.71
CA GLN B 22 22.33 30.80 -13.01
C GLN B 22 21.00 30.07 -12.84
N ALA B 23 20.48 29.56 -13.95
CA ALA B 23 19.27 28.70 -13.92
C ALA B 23 19.51 27.54 -12.97
N GLN B 24 20.65 26.87 -13.07
CA GLN B 24 20.96 25.74 -12.16
C GLN B 24 20.88 26.12 -10.68
N GLN B 25 21.40 27.31 -10.36
CA GLN B 25 21.47 27.73 -8.97
C GLN B 25 20.07 27.92 -8.40
N THR B 26 19.22 28.56 -9.18
CA THR B 26 17.83 28.72 -8.81
C THR B 26 17.14 27.36 -8.54
N LEU B 27 17.28 26.41 -9.47
CA LEU B 27 16.63 25.10 -9.37
C LEU B 27 17.14 24.27 -8.20
N GLN B 28 18.38 24.56 -7.79
CA GLN B 28 18.95 23.80 -6.68
C GLN B 28 18.62 24.41 -5.32
N SER B 29 18.18 25.67 -5.30
CA SER B 29 17.95 26.34 -4.03
C SER B 29 16.50 26.87 -3.78
N THR B 30 15.63 26.80 -4.77
CA THR B 30 14.27 27.32 -4.60
C THR B 30 13.29 26.18 -4.38
N PRO B 31 12.70 26.08 -3.17
CA PRO B 31 11.79 24.98 -2.97
C PRO B 31 10.46 25.19 -3.73
N PRO B 32 9.89 24.10 -4.27
CA PRO B 32 8.67 24.21 -5.09
C PRO B 32 7.40 24.30 -4.21
N ILE B 33 7.36 25.28 -3.29
CA ILE B 33 6.33 25.31 -2.24
C ILE B 33 5.29 26.43 -2.38
N SER B 34 5.38 27.22 -3.45
CA SER B 34 4.41 28.31 -3.73
C SER B 34 4.28 28.57 -5.22
N GLU B 35 3.17 29.19 -5.64
CA GLU B 35 3.06 29.64 -7.02
C GLU B 35 4.24 30.54 -7.42
N GLU B 36 4.63 31.46 -6.53
CA GLU B 36 5.78 32.37 -6.76
C GLU B 36 7.12 31.62 -6.96
N ASN B 37 7.39 30.68 -6.08
CA ASN B 37 8.61 29.87 -6.22
C ASN B 37 8.59 29.06 -7.51
N ASN B 38 7.45 28.46 -7.82
CA ASN B 38 7.37 27.67 -9.04
C ASN B 38 7.48 28.51 -10.32
N ASP B 39 6.97 29.74 -10.26
CA ASP B 39 7.15 30.63 -11.40
CA ASP B 39 7.13 30.63 -11.41
C ASP B 39 8.62 30.91 -11.61
N GLU B 40 9.33 31.12 -10.52
CA GLU B 40 10.74 31.41 -10.61
C GLU B 40 11.53 30.22 -11.19
N ARG B 41 11.16 29.00 -10.77
CA ARG B 41 11.77 27.80 -11.32
C ARG B 41 11.41 27.65 -12.84
N THR B 42 10.15 27.83 -13.21
CA THR B 42 9.76 27.82 -14.64
C THR B 42 10.59 28.84 -15.46
N LEU B 43 10.83 30.02 -14.90
CA LEU B 43 11.55 31.05 -15.65
C LEU B 43 13.01 30.72 -15.80
N ALA B 44 13.62 30.21 -14.72
CA ALA B 44 14.98 29.61 -14.75
C ALA B 44 15.15 28.64 -15.95
N ARG B 45 14.22 27.70 -16.08
CA ARG B 45 14.27 26.77 -17.21
C ARG B 45 14.15 27.43 -18.57
N GLN B 46 13.32 28.47 -18.68
CA GLN B 46 13.18 29.21 -19.95
C GLN B 46 14.49 29.89 -20.31
N GLN B 47 15.18 30.41 -19.29
CA GLN B 47 16.48 31.04 -19.45
C GLN B 47 17.39 29.98 -20.08
N LEU B 48 17.40 28.79 -19.49
CA LEU B 48 18.24 27.69 -19.96
C LEU B 48 17.84 27.25 -21.39
N THR B 49 16.53 27.11 -21.68
CA THR B 49 16.12 26.74 -23.05
C THR B 49 16.45 27.82 -24.11
N SER B 50 16.27 29.09 -23.76
CA SER B 50 16.49 30.17 -24.74
C SER B 50 17.99 30.29 -25.08
N SER B 51 18.84 29.95 -24.12
CA SER B 51 20.30 29.83 -24.31
C SER B 51 20.68 28.71 -25.25
N LEU B 52 20.05 27.55 -25.12
CA LEU B 52 20.23 26.45 -26.07
C LEU B 52 19.74 26.81 -27.48
N ASN B 53 18.58 27.47 -27.56
CA ASN B 53 18.03 28.09 -28.80
C ASN B 53 18.97 29.15 -29.44
N ALA B 54 19.79 29.81 -28.61
CA ALA B 54 20.74 30.83 -29.07
C ALA B 54 22.05 30.19 -29.55
N LEU B 55 22.45 29.09 -28.91
CA LEU B 55 23.63 28.31 -29.33
C LEU B 55 23.46 27.69 -30.70
N ALA B 56 22.21 27.53 -31.12
CA ALA B 56 21.89 26.85 -32.38
C ALA B 56 21.90 27.81 -33.60
N VAL B 60 27.89 27.77 -33.56
CA VAL B 60 28.60 26.86 -32.65
C VAL B 60 28.15 25.42 -32.87
N SER B 61 29.11 24.57 -33.27
CA SER B 61 28.87 23.14 -33.39
C SER B 61 30.01 22.39 -32.67
N LEU B 62 29.92 21.04 -32.62
CA LEU B 62 30.68 20.23 -31.64
C LEU B 62 31.46 19.07 -32.23
N SER B 63 32.40 18.50 -31.45
CA SER B 63 33.02 17.23 -31.86
C SER B 63 31.98 16.11 -32.02
N ALA B 64 32.33 15.10 -32.83
CA ALA B 64 31.44 13.98 -33.12
C ALA B 64 31.16 13.20 -31.83
N GLU B 65 32.17 13.18 -30.97
CA GLU B 65 32.13 12.55 -29.66
C GLU B 65 31.16 13.27 -28.68
N GLN B 66 31.32 14.58 -28.52
CA GLN B 66 30.36 15.38 -27.76
C GLN B 66 28.92 15.32 -28.33
N ASN B 67 28.75 15.40 -29.65
CA ASN B 67 27.45 15.18 -30.30
C ASN B 67 26.80 13.85 -29.92
N GLU B 68 27.64 12.81 -29.87
CA GLU B 68 27.18 11.48 -29.47
C GLU B 68 26.76 11.51 -27.99
N ASN B 69 27.62 12.06 -27.13
CA ASN B 69 27.34 12.20 -25.71
C ASN B 69 25.99 12.89 -25.46
N LEU B 70 25.74 13.98 -26.19
CA LEU B 70 24.46 14.66 -26.08
C LEU B 70 23.30 13.84 -26.57
N ARG B 71 23.45 13.19 -27.71
CA ARG B 71 22.28 12.50 -28.24
C ARG B 71 21.83 11.38 -27.30
N SER B 72 22.81 10.74 -26.66
CA SER B 72 22.58 9.63 -25.73
C SER B 72 21.97 10.16 -24.42
N ALA B 73 22.65 11.14 -23.82
CA ALA B 73 22.18 11.73 -22.57
C ALA B 73 20.78 12.29 -22.66
N PHE B 74 20.47 12.94 -23.79
CA PHE B 74 19.19 13.58 -23.98
C PHE B 74 18.10 12.77 -24.68
N SER B 75 18.27 11.46 -24.78
CA SER B 75 17.12 10.58 -25.17
C SER B 75 16.04 10.57 -24.07
N ALA B 76 14.77 10.44 -24.47
CA ALA B 76 13.70 10.27 -23.46
C ALA B 76 12.54 9.47 -24.02
N PRO B 77 11.79 8.78 -23.13
CA PRO B 77 10.72 7.96 -23.70
C PRO B 77 9.50 8.78 -24.11
N THR B 78 8.70 8.21 -25.01
CA THR B 78 7.43 8.84 -25.43
C THR B 78 6.30 8.43 -24.48
N SER B 79 5.78 9.42 -23.75
CA SER B 79 4.69 9.22 -22.80
C SER B 79 4.17 10.60 -22.38
N ALA B 80 2.98 10.63 -21.79
CA ALA B 80 2.37 11.87 -21.30
C ALA B 80 3.27 12.56 -20.27
N LEU B 81 4.10 11.76 -19.59
CA LEU B 81 4.91 12.32 -18.52
C LEU B 81 6.03 13.23 -19.05
N PHE B 82 6.50 13.01 -20.29
CA PHE B 82 7.80 13.57 -20.78
C PHE B 82 7.80 14.49 -22.03
N ILE B 99 21.94 19.85 -33.21
CA ILE B 99 22.03 18.97 -32.04
C ILE B 99 21.61 19.74 -30.79
N TRP B 100 21.64 21.06 -30.91
CA TRP B 100 21.27 21.97 -29.85
C TRP B 100 19.74 22.13 -29.78
N ASP B 101 19.08 22.15 -30.94
CA ASP B 101 17.61 22.22 -31.00
C ASP B 101 17.00 20.98 -30.35
N MET B 102 17.71 19.87 -30.51
CA MET B 102 17.33 18.57 -30.00
C MET B 102 17.45 18.51 -28.45
N VAL B 103 18.63 18.91 -27.96
CA VAL B 103 18.87 19.04 -26.53
C VAL B 103 17.82 19.98 -25.97
N SER B 104 17.66 21.14 -26.60
CA SER B 104 16.61 22.10 -26.24
C SER B 104 15.21 21.50 -26.19
N GLN B 105 14.84 20.70 -27.20
CA GLN B 105 13.52 20.06 -27.21
C GLN B 105 13.27 19.05 -26.08
N ASN B 106 14.27 18.20 -25.83
CA ASN B 106 14.11 17.12 -24.87
C ASN B 106 14.18 17.63 -23.43
N ILE B 107 15.07 18.57 -23.20
CA ILE B 107 15.20 19.10 -21.81
C ILE B 107 14.01 19.97 -21.45
N SER B 108 13.43 20.63 -22.46
CA SER B 108 12.25 21.46 -22.23
CA SER B 108 12.23 21.46 -22.28
C SER B 108 11.05 20.57 -21.92
N ALA B 109 10.95 19.43 -22.62
CA ALA B 109 9.94 18.41 -22.35
C ALA B 109 10.07 17.80 -20.94
N ILE B 110 11.29 17.43 -20.52
CA ILE B 110 11.47 16.88 -19.16
C ILE B 110 11.15 17.98 -18.13
N GLY B 111 11.60 19.22 -18.39
CA GLY B 111 11.33 20.37 -17.49
C GLY B 111 9.86 20.74 -17.39
N ASP B 112 9.18 20.85 -18.53
CA ASP B 112 7.76 21.24 -18.55
C ASP B 112 6.87 20.14 -18.09
N SER B 113 6.97 18.98 -18.75
CA SER B 113 6.05 17.89 -18.58
C SER B 113 6.23 17.00 -17.35
N TYR B 114 7.46 16.90 -16.86
CA TYR B 114 7.77 16.00 -15.77
C TYR B 114 8.13 16.80 -14.49
N LEU B 115 9.24 17.51 -14.51
CA LEU B 115 9.64 18.28 -13.29
C LEU B 115 8.58 19.32 -12.98
N GLY B 116 8.06 20.00 -14.00
CA GLY B 116 7.09 21.07 -13.80
C GLY B 116 5.81 20.58 -13.14
N VAL B 117 5.43 19.34 -13.45
CA VAL B 117 4.25 18.75 -12.84
C VAL B 117 4.54 18.45 -11.38
N TYR B 118 5.69 17.81 -11.15
CA TYR B 118 6.09 17.51 -9.77
C TYR B 118 6.16 18.78 -8.90
N GLU B 119 6.62 19.90 -9.45
CA GLU B 119 6.70 21.17 -8.68
C GLU B 119 5.30 21.57 -8.23
N ASN B 120 4.36 21.47 -9.18
CA ASN B 120 2.96 21.75 -8.89
C ASN B 120 2.36 20.83 -7.85
N VAL B 121 2.65 19.53 -7.99
CA VAL B 121 2.22 18.56 -6.97
C VAL B 121 2.72 19.00 -5.59
N VAL B 122 4.00 19.34 -5.44
CA VAL B 122 4.49 19.66 -4.07
C VAL B 122 3.83 20.92 -3.52
N ALA B 123 3.66 21.94 -4.37
CA ALA B 123 3.05 23.18 -3.88
C ALA B 123 1.62 22.95 -3.41
N VAL B 124 0.85 22.19 -4.20
CA VAL B 124 -0.58 21.95 -3.90
C VAL B 124 -0.66 21.06 -2.68
N TYR B 125 0.19 20.03 -2.63
CA TYR B 125 0.09 19.13 -1.49
C TYR B 125 0.58 19.79 -0.20
N THR B 126 1.54 20.69 -0.34
CA THR B 126 2.07 21.50 0.79
C THR B 126 1.00 22.35 1.45
N ASP B 127 0.24 23.08 0.66
CA ASP B 127 -0.87 23.85 1.18
C ASP B 127 -2.01 22.99 1.72
N PHE B 128 -2.30 21.87 1.07
CA PHE B 128 -3.29 20.94 1.60
C PHE B 128 -2.90 20.50 3.01
N TYR B 129 -1.63 20.08 3.17
CA TYR B 129 -1.23 19.54 4.45
C TYR B 129 -1.22 20.67 5.49
N GLN B 130 -0.87 21.92 5.08
CA GLN B 130 -0.99 23.09 5.99
C GLN B 130 -2.42 23.27 6.48
N ALA B 131 -3.39 23.14 5.56
CA ALA B 131 -4.82 23.32 5.93
C ALA B 131 -5.22 22.22 6.96
N PHE B 132 -4.69 21.02 6.76
CA PHE B 132 -4.95 19.92 7.69
C PHE B 132 -4.27 20.21 9.04
N SER B 133 -3.01 20.68 9.01
CA SER B 133 -2.28 21.03 10.26
C SER B 133 -3.00 22.11 11.07
N ASP B 134 -3.63 23.07 10.36
CA ASP B 134 -4.49 24.06 11.02
C ASP B 134 -5.67 23.43 11.77
N ILE B 135 -6.21 22.34 11.23
CA ILE B 135 -7.26 21.62 11.96
C ILE B 135 -6.66 20.95 13.18
N LEU B 136 -5.51 20.28 12.99
CA LEU B 136 -4.87 19.59 14.12
C LEU B 136 -4.63 20.58 15.28
N SER B 137 -4.31 21.83 14.98
CA SER B 137 -3.96 22.82 16.03
C SER B 137 -5.18 23.20 16.90
N LYS B 138 -6.38 22.89 16.43
CA LYS B 138 -7.62 23.15 17.19
C LYS B 138 -8.01 21.94 18.06
N MET B 139 -7.31 20.81 17.94
CA MET B 139 -7.80 19.58 18.60
C MET B 139 -7.72 19.62 20.13
N GLY B 140 -6.62 20.20 20.64
CA GLY B 140 -6.47 20.39 22.11
C GLY B 140 -7.70 21.05 22.67
N GLY B 141 -8.09 22.17 22.06
CA GLY B 141 -9.28 22.88 22.49
C GLY B 141 -10.61 22.16 22.31
N TRP B 142 -10.62 21.12 21.47
CA TRP B 142 -11.85 20.34 21.29
C TRP B 142 -11.91 19.09 22.20
N LEU B 143 -10.93 18.95 23.08
CA LEU B 143 -10.92 17.85 24.02
C LEU B 143 -11.10 18.48 25.40
N LEU B 144 -12.15 18.11 26.10
CA LEU B 144 -12.46 18.71 27.42
C LEU B 144 -12.33 17.66 28.56
N PRO B 145 -12.08 18.10 29.83
CA PRO B 145 -12.11 17.18 30.95
C PRO B 145 -13.49 16.58 31.08
N GLY B 146 -13.56 15.33 31.48
CA GLY B 146 -14.88 14.72 31.71
C GLY B 146 -15.34 14.77 33.15
N LYS B 147 -16.30 13.90 33.48
CA LYS B 147 -16.82 13.79 34.87
C LYS B 147 -15.84 13.29 35.92
N ASP B 148 -14.85 12.52 35.52
CA ASP B 148 -13.86 12.05 36.48
C ASP B 148 -12.58 11.81 35.72
N GLY B 149 -11.55 11.26 36.39
CA GLY B 149 -10.24 11.13 35.75
C GLY B 149 -10.17 10.03 34.69
N ASN B 150 -11.25 9.27 34.53
CA ASN B 150 -11.34 8.20 33.51
C ASN B 150 -12.14 8.58 32.27
N THR B 151 -12.52 9.85 32.15
CA THR B 151 -13.54 10.25 31.18
C THR B 151 -13.07 11.56 30.52
N VAL B 152 -13.37 11.73 29.24
CA VAL B 152 -13.12 13.01 28.54
C VAL B 152 -14.40 13.36 27.76
N LYS B 153 -14.48 14.60 27.29
CA LYS B 153 -15.51 14.98 26.34
C LYS B 153 -14.88 15.52 25.02
N LEU B 154 -15.18 14.88 23.90
CA LEU B 154 -14.59 15.29 22.62
C LEU B 154 -15.63 16.05 21.78
N ASP B 155 -15.25 17.19 21.24
CA ASP B 155 -16.18 17.94 20.38
C ASP B 155 -16.20 17.32 18.97
N VAL B 156 -16.87 16.18 18.83
CA VAL B 156 -16.91 15.44 17.58
C VAL B 156 -17.53 16.29 16.47
N THR B 157 -18.53 17.10 16.83
CA THR B 157 -19.24 17.88 15.78
C THR B 157 -18.33 18.91 15.14
N SER B 158 -17.65 19.73 15.94
CA SER B 158 -16.75 20.76 15.39
C SER B 158 -15.60 20.13 14.57
N LEU B 159 -15.04 19.03 15.10
CA LEU B 159 -13.96 18.36 14.39
C LEU B 159 -14.46 17.76 13.06
N LYS B 160 -15.58 17.05 13.09
CA LYS B 160 -16.15 16.49 11.84
C LYS B 160 -16.49 17.62 10.83
N ASN B 161 -17.04 18.71 11.31
CA ASN B 161 -17.40 19.80 10.36
C ASN B 161 -16.18 20.41 9.67
N ASP B 162 -15.12 20.64 10.44
CA ASP B 162 -13.82 21.11 9.91
C ASP B 162 -13.22 20.08 8.94
N LEU B 163 -13.28 18.78 9.27
CA LEU B 163 -12.74 17.79 8.36
C LEU B 163 -13.57 17.72 7.10
N ASN B 164 -14.89 17.68 7.24
CA ASN B 164 -15.73 17.63 6.01
C ASN B 164 -15.59 18.89 5.15
N SER B 165 -15.32 20.01 5.80
CA SER B 165 -15.12 21.28 5.07
C SER B 165 -13.82 21.25 4.26
N LEU B 166 -12.75 20.67 4.81
CA LEU B 166 -11.50 20.46 4.06
C LEU B 166 -11.68 19.47 2.89
N VAL B 167 -12.37 18.36 3.14
CA VAL B 167 -12.71 17.40 2.03
C VAL B 167 -13.44 18.16 0.90
N ASN B 168 -14.47 18.89 1.28
CA ASN B 168 -15.24 19.74 0.33
C ASN B 168 -14.34 20.71 -0.44
N LYS B 169 -13.49 21.47 0.29
CA LYS B 169 -12.49 22.37 -0.30
C LYS B 169 -11.66 21.73 -1.40
N TYR B 170 -11.13 20.52 -1.10
CA TYR B 170 -10.23 19.88 -2.01
C TYR B 170 -10.91 18.98 -3.01
N ASN B 171 -12.24 18.90 -2.94
CA ASN B 171 -13.05 18.37 -4.03
C ASN B 171 -13.41 19.43 -5.10
N GLN B 172 -13.08 20.69 -4.84
CA GLN B 172 -13.28 21.76 -5.84
C GLN B 172 -12.15 21.66 -6.86
N ILE B 173 -12.41 22.17 -8.05
CA ILE B 173 -11.46 22.13 -9.16
C ILE B 173 -11.06 23.57 -9.46
N ASN B 174 -9.79 23.86 -9.16
CA ASN B 174 -9.23 25.19 -9.35
C ASN B 174 -7.71 25.06 -9.19
N SER B 175 -6.95 26.14 -9.30
CA SER B 175 -5.46 26.09 -9.29
C SER B 175 -4.83 25.74 -7.93
N ASN B 176 -5.63 25.82 -6.88
CA ASN B 176 -5.20 25.45 -5.57
C ASN B 176 -5.39 23.96 -5.27
N THR B 177 -6.13 23.26 -6.11
CA THR B 177 -6.54 21.88 -5.83
C THR B 177 -6.11 20.79 -6.82
N VAL B 178 -5.68 21.20 -8.02
CA VAL B 178 -5.35 20.25 -9.10
C VAL B 178 -3.85 19.99 -9.17
N LEU B 179 -3.51 18.70 -9.02
CA LEU B 179 -2.11 18.23 -9.11
C LEU B 179 -1.58 18.13 -10.54
N PHE B 180 -2.44 17.62 -11.42
CA PHE B 180 -2.09 17.50 -12.81
C PHE B 180 -3.34 17.74 -13.66
N PRO B 181 -3.20 18.48 -14.78
CA PRO B 181 -2.02 19.19 -15.23
C PRO B 181 -1.75 20.40 -14.31
N ALA B 182 -0.57 21.00 -14.48
CA ALA B 182 -0.25 22.30 -13.86
C ALA B 182 -1.20 23.35 -14.45
N GLN B 183 -1.59 24.32 -13.63
CA GLN B 183 -2.66 25.27 -14.02
C GLN B 183 -2.17 26.68 -14.37
N GLY B 187 -8.39 29.73 -17.66
CA GLY B 187 -9.47 28.76 -17.41
C GLY B 187 -8.92 27.60 -16.59
N VAL B 188 -9.47 26.40 -16.77
CA VAL B 188 -8.86 25.22 -16.13
C VAL B 188 -8.20 24.37 -17.20
N LYS B 189 -6.93 24.04 -17.00
CA LYS B 189 -6.23 23.17 -17.94
C LYS B 189 -6.51 21.71 -17.58
N VAL B 190 -6.97 20.95 -18.58
CA VAL B 190 -7.35 19.57 -18.42
C VAL B 190 -6.48 18.68 -19.33
N ALA B 191 -6.54 17.38 -19.09
CA ALA B 191 -5.73 16.46 -19.86
C ALA B 191 -6.68 15.43 -20.40
N THR B 192 -6.20 14.63 -21.35
CA THR B 192 -6.98 13.47 -21.78
C THR B 192 -7.03 12.49 -20.63
N GLU B 193 -8.01 11.60 -20.67
CA GLU B 193 -8.12 10.56 -19.68
C GLU B 193 -6.91 9.63 -19.57
N ALA B 194 -6.34 9.25 -20.71
CA ALA B 194 -5.10 8.43 -20.73
C ALA B 194 -3.92 9.15 -20.07
N GLU B 195 -3.80 10.45 -20.33
CA GLU B 195 -2.70 11.23 -19.78
C GLU B 195 -2.85 11.34 -18.25
N ALA B 196 -4.07 11.64 -17.81
CA ALA B 196 -4.37 11.81 -16.36
C ALA B 196 -4.17 10.48 -15.61
N ARG B 197 -4.57 9.36 -16.25
CA ARG B 197 -4.26 8.00 -15.72
C ARG B 197 -2.80 7.68 -15.59
N GLN B 198 -1.96 8.11 -16.53
CA GLN B 198 -0.51 7.89 -16.39
C GLN B 198 0.01 8.62 -15.12
N TRP B 199 -0.50 9.83 -14.86
CA TRP B 199 -0.06 10.60 -13.66
C TRP B 199 -0.66 10.01 -12.40
N LEU B 200 -1.87 9.45 -12.49
CA LEU B 200 -2.47 8.74 -11.37
C LEU B 200 -1.50 7.60 -10.94
N SER B 201 -0.99 6.84 -11.91
CA SER B 201 -0.04 5.77 -11.62
C SER B 201 1.31 6.33 -11.16
N GLU B 202 1.80 7.40 -11.82
CA GLU B 202 3.06 8.00 -11.46
C GLU B 202 3.04 8.54 -10.00
N LEU B 203 1.95 9.18 -9.60
CA LEU B 203 1.89 9.73 -8.22
C LEU B 203 1.36 8.70 -7.20
N ASN B 204 0.98 7.52 -7.69
CA ASN B 204 0.48 6.43 -6.84
C ASN B 204 -0.75 6.86 -6.01
N LEU B 205 -1.71 7.49 -6.69
CA LEU B 205 -2.95 7.94 -6.09
C LEU B 205 -4.14 7.06 -6.48
N PRO B 206 -5.13 6.96 -5.58
CA PRO B 206 -6.34 6.17 -5.86
C PRO B 206 -7.21 6.69 -6.99
N ASN B 207 -8.20 5.89 -7.39
CA ASN B 207 -9.02 6.28 -8.52
C ASN B 207 -9.93 7.44 -8.23
N SER B 208 -10.24 7.62 -6.93
CA SER B 208 -11.01 8.76 -6.46
C SER B 208 -10.31 10.10 -6.78
N SER B 209 -8.97 10.08 -6.93
CA SER B 209 -8.18 11.26 -7.37
C SER B 209 -8.35 11.71 -8.84
N LEU B 210 -8.90 10.83 -9.67
CA LEU B 210 -9.22 11.20 -11.03
C LEU B 210 -10.64 11.86 -11.10
N LYS B 211 -10.69 13.06 -11.64
CA LYS B 211 -11.94 13.81 -11.70
C LYS B 211 -12.14 14.21 -13.14
N SER B 212 -13.38 14.20 -13.61
CA SER B 212 -13.64 14.77 -14.93
C SER B 212 -13.89 16.26 -14.73
N TYR B 213 -13.50 17.06 -15.70
CA TYR B 213 -13.86 18.50 -15.70
C TYR B 213 -14.05 18.94 -17.14
N GLY B 214 -15.18 19.58 -17.41
CA GLY B 214 -15.47 20.06 -18.77
C GLY B 214 -15.32 18.91 -19.73
N SER B 215 -14.51 19.08 -20.77
CA SER B 215 -14.25 18.01 -21.72
C SER B 215 -13.16 17.00 -21.31
N GLY B 216 -12.31 17.37 -20.34
CA GLY B 216 -11.17 16.52 -19.96
C GLY B 216 -11.16 15.96 -18.54
N TYR B 217 -9.95 15.77 -18.02
CA TYR B 217 -9.75 15.14 -16.71
C TYR B 217 -8.61 15.84 -15.98
N VAL B 218 -8.69 15.84 -14.65
CA VAL B 218 -7.64 16.36 -13.77
C VAL B 218 -7.34 15.31 -12.69
N VAL B 219 -6.20 15.45 -12.03
CA VAL B 219 -5.87 14.56 -10.88
C VAL B 219 -5.82 15.47 -9.67
N THR B 220 -6.50 15.06 -8.60
CA THR B 220 -6.57 15.88 -7.41
C THR B 220 -6.00 15.15 -6.17
N VAL B 221 -5.98 15.85 -5.04
CA VAL B 221 -5.43 15.32 -3.78
C VAL B 221 -6.17 14.07 -3.27
N ASP B 222 -5.43 13.14 -2.66
CA ASP B 222 -6.06 11.97 -2.02
C ASP B 222 -6.79 12.31 -0.71
N LEU B 223 -8.13 12.31 -0.76
CA LEU B 223 -8.95 12.71 0.39
C LEU B 223 -9.41 11.52 1.21
N THR B 224 -8.99 10.32 0.81
CA THR B 224 -9.52 9.12 1.49
C THR B 224 -9.19 9.08 3.00
N PRO B 225 -7.97 9.46 3.41
CA PRO B 225 -7.76 9.46 4.90
C PRO B 225 -8.67 10.44 5.68
N LEU B 226 -8.90 11.65 5.17
CA LEU B 226 -9.91 12.52 5.81
C LEU B 226 -11.29 11.87 5.84
N GLN B 227 -11.73 11.29 4.72
CA GLN B 227 -13.05 10.68 4.74
C GLN B 227 -13.17 9.54 5.77
N LYS B 228 -12.10 8.74 5.83
CA LYS B 228 -11.99 7.71 6.86
C LYS B 228 -12.05 8.29 8.27
N MET B 229 -11.33 9.37 8.53
CA MET B 229 -11.42 10.02 9.87
C MET B 229 -12.87 10.37 10.20
N VAL B 230 -13.54 11.01 9.25
CA VAL B 230 -14.95 11.29 9.43
C VAL B 230 -15.80 10.05 9.72
N GLN B 231 -15.67 9.00 8.90
CA GLN B 231 -16.34 7.71 9.23
C GLN B 231 -16.06 7.21 10.65
N ASP B 232 -14.81 7.30 11.09
CA ASP B 232 -14.43 6.75 12.40
C ASP B 232 -14.99 7.62 13.53
N ILE B 233 -15.11 8.92 13.27
CA ILE B 233 -15.72 9.78 14.27
C ILE B 233 -17.22 9.43 14.41
N ASP B 234 -17.90 9.25 13.28
CA ASP B 234 -19.31 8.86 13.32
C ASP B 234 -19.52 7.52 14.05
N GLY B 235 -18.56 6.63 13.84
CA GLY B 235 -18.50 5.32 14.48
C GLY B 235 -18.45 5.38 15.99
N LEU B 236 -18.06 6.53 16.56
CA LEU B 236 -17.98 6.63 18.02
C LEU B 236 -19.35 6.69 18.68
N GLY B 237 -20.38 6.91 17.87
CA GLY B 237 -21.72 6.99 18.40
C GLY B 237 -22.24 8.40 18.35
N ALA B 238 -23.52 8.51 18.63
CA ALA B 238 -24.28 9.75 18.58
C ALA B 238 -23.84 10.76 19.65
N PRO B 239 -23.53 12.02 19.24
CA PRO B 239 -23.24 13.01 20.28
C PRO B 239 -24.42 13.33 21.20
N GLY B 240 -24.11 13.97 22.33
CA GLY B 240 -25.09 14.42 23.26
C GLY B 240 -25.83 15.62 22.70
N LYS B 241 -26.70 16.15 23.57
CA LYS B 241 -27.49 17.33 23.31
C LYS B 241 -26.56 18.48 22.94
N ASP B 242 -25.46 18.64 23.69
CA ASP B 242 -24.46 19.69 23.40
C ASP B 242 -23.59 19.46 22.14
N SER B 243 -23.90 18.41 21.36
CA SER B 243 -23.13 18.01 20.13
C SER B 243 -21.65 17.53 20.40
N LYS B 244 -21.35 17.29 21.68
CA LYS B 244 -20.06 16.72 22.06
C LYS B 244 -20.31 15.30 22.55
N LEU B 245 -19.24 14.55 22.77
CA LEU B 245 -19.37 13.11 23.02
C LEU B 245 -18.49 12.78 24.21
N GLU B 246 -19.13 12.36 25.30
CA GLU B 246 -18.45 11.89 26.49
C GLU B 246 -17.96 10.47 26.21
N MET B 247 -16.73 10.20 26.60
CA MET B 247 -16.17 8.83 26.44
C MET B 247 -15.10 8.51 27.48
N ASP B 248 -14.93 7.21 27.79
CA ASP B 248 -13.86 6.81 28.68
C ASP B 248 -12.49 6.85 28.04
N ASN B 249 -11.48 6.82 28.88
CA ASN B 249 -10.12 6.89 28.36
C ASN B 249 -9.79 5.77 27.35
N ALA B 250 -10.24 4.55 27.63
CA ALA B 250 -9.92 3.45 26.71
C ALA B 250 -10.46 3.74 25.30
N LYS B 251 -11.71 4.19 25.23
CA LYS B 251 -12.37 4.48 23.91
C LYS B 251 -11.67 5.64 23.25
N TYR B 252 -11.39 6.66 24.05
CA TYR B 252 -10.74 7.88 23.52
C TYR B 252 -9.36 7.49 22.94
N GLN B 253 -8.55 6.73 23.70
CA GLN B 253 -7.22 6.30 23.20
C GLN B 253 -7.27 5.47 21.92
N ALA B 254 -8.18 4.52 21.86
CA ALA B 254 -8.28 3.72 20.65
C ALA B 254 -8.65 4.63 19.47
N TRP B 255 -9.61 5.53 19.69
CA TRP B 255 -10.02 6.48 18.63
C TRP B 255 -8.82 7.30 18.17
N GLN B 256 -8.08 7.87 19.12
CA GLN B 256 -7.01 8.77 18.79
C GLN B 256 -5.90 8.01 18.00
N SER B 257 -5.67 6.74 18.35
CA SER B 257 -4.74 5.93 17.57
C SER B 257 -5.13 5.76 16.12
N GLY B 258 -6.40 5.46 15.89
CA GLY B 258 -6.91 5.35 14.54
C GLY B 258 -6.83 6.69 13.79
N PHE B 259 -7.02 7.79 14.51
CA PHE B 259 -6.96 9.12 13.91
C PHE B 259 -5.51 9.38 13.51
N LYS B 260 -4.58 9.15 14.44
CA LYS B 260 -3.18 9.34 14.12
C LYS B 260 -2.75 8.51 12.92
N ALA B 261 -3.26 7.28 12.79
CA ALA B 261 -2.87 6.42 11.68
C ALA B 261 -3.26 7.08 10.35
N GLN B 262 -4.42 7.70 10.32
CA GLN B 262 -4.84 8.42 9.10
C GLN B 262 -4.03 9.69 8.85
N GLU B 263 -3.70 10.41 9.92
CA GLU B 263 -2.75 11.56 9.88
C GLU B 263 -1.41 11.14 9.24
N GLU B 264 -0.88 10.00 9.71
CA GLU B 264 0.40 9.51 9.17
C GLU B 264 0.28 9.10 7.69
N ASN B 265 -0.88 8.58 7.29
CA ASN B 265 -1.12 8.27 5.88
C ASN B 265 -0.92 9.50 5.01
N MET B 266 -1.50 10.62 5.43
CA MET B 266 -1.34 11.85 4.64
C MET B 266 0.10 12.35 4.71
N LYS B 267 0.74 12.19 5.86
CA LYS B 267 2.06 12.73 6.06
C LYS B 267 3.04 12.00 5.15
N THR B 268 2.86 10.69 5.08
CA THR B 268 3.66 9.81 4.27
C THR B 268 3.44 10.08 2.79
N THR B 269 2.18 10.30 2.40
CA THR B 269 1.91 10.70 1.00
C THR B 269 2.69 11.98 0.64
N LEU B 270 2.67 12.95 1.54
CA LEU B 270 3.41 14.19 1.33
C LEU B 270 4.89 13.93 1.19
N GLN B 271 5.42 13.13 2.10
CA GLN B 271 6.83 12.78 2.08
C GLN B 271 7.24 12.08 0.75
N THR B 272 6.52 11.02 0.38
CA THR B 272 6.80 10.32 -0.88
CA THR B 272 6.75 10.31 -0.87
C THR B 272 6.66 11.20 -2.12
N LEU B 273 5.62 12.03 -2.21
CA LEU B 273 5.58 12.95 -3.35
C LEU B 273 6.76 13.90 -3.37
N THR B 274 7.14 14.42 -2.21
CA THR B 274 8.23 15.35 -2.15
C THR B 274 9.53 14.63 -2.54
N GLN B 275 9.71 13.39 -2.12
CA GLN B 275 10.93 12.65 -2.54
C GLN B 275 10.97 12.42 -4.05
N LYS B 276 9.82 12.14 -4.63
CA LYS B 276 9.72 11.94 -6.09
C LYS B 276 10.03 13.24 -6.81
N TYR B 277 9.50 14.37 -6.30
CA TYR B 277 9.89 15.70 -6.83
C TYR B 277 11.45 15.83 -6.77
N SER B 278 12.07 15.54 -5.61
CA SER B 278 13.53 15.71 -5.47
C SER B 278 14.28 14.85 -6.48
N ASN B 279 13.73 13.65 -6.70
CA ASN B 279 14.31 12.74 -7.69
C ASN B 279 14.17 13.25 -9.13
N ALA B 280 13.05 13.85 -9.44
CA ALA B 280 12.85 14.49 -10.73
C ALA B 280 13.76 15.74 -10.84
N ASN B 281 14.01 16.44 -9.74
CA ASN B 281 14.83 17.64 -9.83
C ASN B 281 16.28 17.23 -10.02
N SER B 282 16.68 16.13 -9.39
CA SER B 282 18.00 15.55 -9.60
C SER B 282 18.20 15.05 -11.02
N LEU B 283 17.19 14.39 -11.59
CA LEU B 283 17.22 13.94 -12.99
C LEU B 283 17.55 15.13 -13.90
N TYR B 284 16.78 16.19 -13.73
CA TYR B 284 17.00 17.39 -14.54
C TYR B 284 18.41 17.99 -14.30
N ASP B 285 18.82 18.08 -13.04
CA ASP B 285 20.13 18.64 -12.70
C ASP B 285 21.29 17.81 -13.31
N ASN B 286 21.13 16.49 -13.36
CA ASN B 286 22.14 15.65 -13.98
C ASN B 286 22.28 15.95 -15.48
N LEU B 287 21.15 16.27 -16.13
CA LEU B 287 21.16 16.68 -17.53
C LEU B 287 21.82 18.04 -17.69
N VAL B 288 21.51 18.95 -16.79
CA VAL B 288 22.17 20.26 -16.79
C VAL B 288 23.68 20.06 -16.65
N LYS B 289 24.09 19.09 -15.83
CA LYS B 289 25.52 18.81 -15.64
C LYS B 289 26.24 18.33 -16.91
N VAL B 290 25.54 17.51 -17.69
CA VAL B 290 26.03 17.07 -19.01
C VAL B 290 26.24 18.26 -19.96
N LEU B 291 25.24 19.14 -20.03
CA LEU B 291 25.32 20.37 -20.82
C LEU B 291 26.50 21.24 -20.43
N SER B 292 26.68 21.44 -19.12
CA SER B 292 27.76 22.27 -18.60
C SER B 292 29.14 21.70 -18.93
N SER B 293 29.31 20.40 -18.73
CA SER B 293 30.62 19.81 -18.97
C SER B 293 30.92 19.84 -20.47
N THR B 294 29.92 19.51 -21.30
CA THR B 294 30.06 19.63 -22.76
C THR B 294 30.59 21.02 -23.15
N ILE B 295 29.80 22.05 -22.84
CA ILE B 295 30.14 23.46 -23.07
C ILE B 295 31.53 23.89 -22.54
N SER B 296 31.88 23.41 -21.34
CA SER B 296 33.22 23.68 -20.76
C SER B 296 34.37 23.11 -21.60
N SER B 297 34.16 21.90 -22.14
CA SER B 297 35.11 21.24 -23.04
C SER B 297 35.27 21.87 -24.42
N SER B 298 34.40 22.80 -24.76
CA SER B 298 34.50 23.54 -26.01
C SER B 298 35.32 24.82 -25.87
N LEU B 299 36.42 24.84 -26.61
CA LEU B 299 37.60 25.69 -26.45
C LEU B 299 38.18 26.15 -27.78
NI NI C . 23.31 1.10 -34.63
#